data_3RO7
#
_entry.id   3RO7
#
_cell.length_a   126.291
_cell.length_b   126.291
_cell.length_c   109.472
_cell.angle_alpha   90.000
_cell.angle_beta   90.000
_cell.angle_gamma   120.000
#
_symmetry.space_group_name_H-M   'H 3 2'
#
loop_
_entity.id
_entity.type
_entity.pdbx_description
1 polymer 'Apolipoprotein A-I-binding protein'
2 non-polymer THYMINE
3 non-polymer 'SULFATE ION'
4 water water
#
_entity_poly.entity_id   1
_entity_poly.type   'polypeptide(L)'
_entity_poly.pdbx_seq_one_letter_code
;(MSE)QQSVCRARPIWWGTQRRGSET(MSE)AGAAVKYLSQEEAQAVDQELFNEYQFSVDQL(MSE)ELAGLSCATAIAK
AYPPTS(MSE)SKSPPTVLVICGPGNNGGDGLVCARHLKLFGYQPTIYYPKRPNKPLFTGLVTQCQK(MSE)DIPFLGE
(MSE)PPEP(MSE)(MSE)VDELYELVVDAIFGFSFKGDVREPFHSILSVLSGLTVPIASIDIPSGWDVEKGNPSGIQPD
LLISLTAPKKSATHFTGRYHYLGGRFVPPALEKKYQLNLPSYPDTECVYRLQHHHHHH
;
_entity_poly.pdbx_strand_id   A
#
# COMPACT_ATOMS: atom_id res chain seq x y z
N ALA A 27 20.84 10.43 3.25
CA ALA A 27 20.26 9.04 3.26
C ALA A 27 19.04 8.98 4.18
N VAL A 28 17.88 8.73 3.60
CA VAL A 28 16.64 8.68 4.38
C VAL A 28 16.70 7.64 5.52
N LYS A 29 16.08 8.00 6.65
CA LYS A 29 16.01 7.12 7.80
C LYS A 29 14.98 6.05 7.50
N TYR A 30 15.32 4.84 7.95
CA TYR A 30 14.47 3.66 7.93
C TYR A 30 14.04 3.43 9.38
N LEU A 31 12.73 3.40 9.59
CA LEU A 31 12.13 3.56 10.90
C LEU A 31 11.94 2.21 11.54
N SER A 32 12.25 2.15 12.85
CA SER A 32 11.81 1.03 13.69
C SER A 32 10.26 1.02 13.74
N GLN A 33 9.69 -0.05 14.25
CA GLN A 33 8.25 -0.12 14.44
C GLN A 33 7.86 0.82 15.58
N GLU A 34 8.72 0.94 16.59
CA GLU A 34 8.57 1.93 17.66
C GLU A 34 8.41 3.31 17.05
N GLU A 35 9.42 3.73 16.30
CA GLU A 35 9.47 5.06 15.67
C GLU A 35 8.24 5.32 14.80
N ALA A 36 7.92 4.39 13.93
CA ALA A 36 6.78 4.52 13.02
C ALA A 36 5.48 4.73 13.80
N GLN A 37 5.24 3.92 14.82
CA GLN A 37 4.11 4.11 15.72
C GLN A 37 4.06 5.52 16.32
N ALA A 38 5.23 6.06 16.66
CA ALA A 38 5.31 7.38 17.30
C ALA A 38 4.98 8.49 16.31
N VAL A 39 5.63 8.47 15.17
CA VAL A 39 5.36 9.44 14.12
C VAL A 39 3.86 9.42 13.72
N ASP A 40 3.34 8.24 13.47
CA ASP A 40 1.93 8.11 13.18
C ASP A 40 1.08 8.75 14.26
N GLN A 41 1.45 8.57 15.53
CA GLN A 41 0.63 9.09 16.62
C GLN A 41 0.79 10.61 16.75
N GLU A 42 1.96 11.15 16.41
CA GLU A 42 2.07 12.63 16.36
C GLU A 42 1.08 13.20 15.33
N LEU A 43 1.18 12.68 14.12
CA LEU A 43 0.28 13.08 13.06
C LEU A 43 -1.20 13.21 13.48
N PHE A 44 -1.74 12.23 14.20
CA PHE A 44 -3.13 12.23 14.59
C PHE A 44 -3.49 13.02 15.84
N ASN A 45 -2.56 13.15 16.79
CA ASN A 45 -2.86 13.75 18.09
C ASN A 45 -2.28 15.14 18.20
N GLU A 46 -0.99 15.25 17.92
CA GLU A 46 -0.29 16.52 18.06
C GLU A 46 -0.60 17.44 16.89
N TYR A 47 -0.52 16.93 15.65
CA TYR A 47 -0.83 17.73 14.46
C TYR A 47 -2.30 17.65 14.08
N GLN A 48 -3.05 16.69 14.62
CA GLN A 48 -4.50 16.56 14.37
C GLN A 48 -4.97 16.42 12.93
N PHE A 49 -4.22 15.65 12.16
CA PHE A 49 -4.71 15.14 10.91
C PHE A 49 -5.75 14.10 11.20
N SER A 50 -6.82 14.11 10.44
CA SER A 50 -7.84 13.10 10.61
C SER A 50 -7.41 11.88 9.84
N VAL A 51 -7.94 10.73 10.20
CA VAL A 51 -7.51 9.50 9.58
C VAL A 51 -7.79 9.47 8.09
N ASP A 52 -8.95 9.94 7.68
CA ASP A 52 -9.24 9.94 6.26
C ASP A 52 -8.39 10.87 5.42
N GLN A 53 -7.98 11.99 5.98
CA GLN A 53 -7.13 12.88 5.22
C GLN A 53 -5.81 12.22 4.89
N LEU A 54 -5.21 11.57 5.87
CA LEU A 54 -3.94 10.90 5.66
C LEU A 54 -4.05 9.70 4.74
N GLU A 56 -6.33 9.41 2.41
CA GLU A 56 -6.63 9.81 1.04
C GLU A 56 -5.29 10.12 0.38
N LEU A 57 -4.42 10.85 1.06
CA LEU A 57 -3.09 11.18 0.51
C LEU A 57 -2.24 9.91 0.31
N ALA A 58 -2.35 8.95 1.23
CA ALA A 58 -1.60 7.69 1.09
C ALA A 58 -2.10 6.95 -0.08
N GLY A 59 -3.41 6.74 -0.14
CA GLY A 59 -3.96 6.01 -1.25
C GLY A 59 -3.59 6.62 -2.58
N LEU A 60 -3.63 7.95 -2.66
CA LEU A 60 -3.28 8.66 -3.89
C LEU A 60 -1.82 8.41 -4.25
N SER A 61 -0.93 8.46 -3.25
CA SER A 61 0.47 8.21 -3.49
C SER A 61 0.65 6.85 -4.15
N CYS A 62 0.02 5.86 -3.53
CA CYS A 62 0.03 4.47 -4.05
C CYS A 62 -0.48 4.39 -5.50
N ALA A 63 -1.64 4.97 -5.74
CA ALA A 63 -2.22 4.90 -7.10
C ALA A 63 -1.19 5.52 -8.04
N THR A 64 -0.51 6.56 -7.56
CA THR A 64 0.41 7.33 -8.39
C THR A 64 1.67 6.55 -8.64
N ALA A 65 2.21 5.91 -7.61
CA ALA A 65 3.42 5.09 -7.80
C ALA A 65 3.14 4.03 -8.85
N ILE A 66 2.00 3.38 -8.73
CA ILE A 66 1.62 2.32 -9.66
C ILE A 66 1.52 2.83 -11.07
N ALA A 67 0.93 4.01 -11.26
CA ALA A 67 0.83 4.55 -12.62
C ALA A 67 2.17 4.97 -13.19
N LYS A 68 3.15 5.28 -12.36
CA LYS A 68 4.45 5.68 -12.89
C LYS A 68 5.30 4.47 -13.18
N ALA A 69 5.39 3.55 -12.22
CA ALA A 69 5.97 2.24 -12.48
C ALA A 69 5.31 1.45 -13.65
N TYR A 70 3.98 1.35 -13.69
CA TYR A 70 3.31 0.52 -14.70
C TYR A 70 2.33 1.33 -15.53
N PRO A 71 2.82 2.31 -16.28
CA PRO A 71 1.85 3.13 -16.98
C PRO A 71 1.00 2.32 -17.93
N PRO A 72 -0.24 2.76 -18.13
CA PRO A 72 -1.24 2.09 -18.97
C PRO A 72 -0.77 1.77 -20.38
N THR A 73 -0.12 2.71 -21.04
CA THR A 73 0.34 2.49 -22.40
C THR A 73 1.29 1.31 -22.48
N SER A 74 2.03 1.07 -21.40
CA SER A 74 3.05 0.02 -21.37
C SER A 74 2.48 -1.37 -21.10
N SER A 76 -0.26 -4.69 -21.81
CA SER A 76 -0.92 -5.41 -22.91
C SER A 76 -2.44 -5.19 -22.98
N LYS A 77 -3.12 -5.24 -21.84
CA LYS A 77 -4.55 -5.00 -21.81
C LYS A 77 -4.81 -3.50 -21.82
N SER A 78 -6.00 -3.13 -22.28
CA SER A 78 -6.38 -1.76 -22.46
C SER A 78 -7.89 -1.65 -22.28
N PRO A 79 -8.37 -1.14 -21.13
CA PRO A 79 -7.68 -0.68 -19.91
C PRO A 79 -6.95 -1.80 -19.17
N PRO A 80 -5.84 -1.45 -18.52
CA PRO A 80 -5.07 -2.42 -17.83
C PRO A 80 -5.74 -2.78 -16.53
N THR A 81 -5.69 -4.06 -16.14
CA THR A 81 -6.49 -4.58 -15.04
C THR A 81 -5.63 -4.80 -13.80
N VAL A 82 -6.23 -4.72 -12.61
CA VAL A 82 -5.49 -4.68 -11.34
C VAL A 82 -6.35 -5.27 -10.26
N LEU A 83 -5.78 -6.18 -9.48
CA LEU A 83 -6.47 -6.69 -8.28
C LEU A 83 -5.91 -6.04 -7.04
N VAL A 84 -6.78 -5.38 -6.26
CA VAL A 84 -6.43 -4.79 -5.00
C VAL A 84 -7.00 -5.66 -3.92
N ILE A 85 -6.10 -6.25 -3.14
CA ILE A 85 -6.44 -7.09 -2.00
C ILE A 85 -6.27 -6.30 -0.71
N CYS A 86 -7.41 -6.07 -0.04
CA CYS A 86 -7.45 -5.16 1.11
C CYS A 86 -7.66 -5.92 2.40
N GLY A 87 -6.83 -5.62 3.39
CA GLY A 87 -6.87 -6.27 4.68
C GLY A 87 -7.86 -5.56 5.60
N PRO A 88 -7.81 -5.88 6.90
CA PRO A 88 -8.86 -5.52 7.87
C PRO A 88 -8.65 -4.24 8.66
N GLY A 89 -7.55 -3.53 8.41
CA GLY A 89 -7.25 -2.27 9.06
C GLY A 89 -7.01 -1.17 8.03
N ASN A 90 -6.18 -0.21 8.43
CA ASN A 90 -5.83 0.97 7.64
C ASN A 90 -5.13 0.75 6.30
N ASN A 91 -4.36 -0.34 6.19
CA ASN A 91 -3.68 -0.66 4.95
C ASN A 91 -4.74 -1.04 3.97
N GLY A 92 -5.76 -1.72 4.45
CA GLY A 92 -6.90 -2.05 3.62
C GLY A 92 -7.56 -0.82 3.09
N GLY A 93 -7.72 0.16 3.96
CA GLY A 93 -8.34 1.41 3.56
C GLY A 93 -7.52 2.21 2.55
N ASP A 94 -6.19 2.23 2.72
CA ASP A 94 -5.33 2.81 1.70
C ASP A 94 -5.55 2.14 0.38
N GLY A 95 -5.79 0.84 0.43
CA GLY A 95 -6.07 0.09 -0.76
C GLY A 95 -7.35 0.51 -1.45
N LEU A 96 -8.38 0.79 -0.65
CA LEU A 96 -9.65 1.25 -1.20
C LEU A 96 -9.46 2.61 -1.90
N VAL A 97 -8.71 3.49 -1.28
CA VAL A 97 -8.48 4.80 -1.84
C VAL A 97 -7.71 4.62 -3.15
N CYS A 98 -6.63 3.83 -3.04
CA CYS A 98 -5.82 3.49 -4.19
C CYS A 98 -6.64 2.91 -5.37
N ALA A 99 -7.52 1.97 -5.09
CA ALA A 99 -8.36 1.37 -6.16
C ALA A 99 -9.05 2.47 -6.87
N ARG A 100 -9.59 3.38 -6.08
CA ARG A 100 -10.42 4.43 -6.62
C ARG A 100 -9.64 5.39 -7.53
N HIS A 101 -8.46 5.86 -7.11
CA HIS A 101 -7.67 6.74 -7.97
C HIS A 101 -7.14 6.03 -9.20
N LEU A 102 -6.83 4.73 -9.08
CA LEU A 102 -6.48 3.91 -10.26
C LEU A 102 -7.56 3.90 -11.29
N LYS A 103 -8.78 3.73 -10.87
CA LYS A 103 -9.85 3.76 -11.84
C LYS A 103 -9.82 5.14 -12.57
N LEU A 104 -9.58 6.21 -11.83
CA LEU A 104 -9.52 7.54 -12.43
C LEU A 104 -8.34 7.72 -13.35
N PHE A 105 -7.22 7.11 -13.02
CA PHE A 105 -6.05 7.15 -13.90
C PHE A 105 -6.15 6.17 -15.08
N GLY A 106 -7.27 5.47 -15.24
CA GLY A 106 -7.48 4.66 -16.46
C GLY A 106 -7.07 3.20 -16.35
N TYR A 107 -6.87 2.70 -15.13
CA TYR A 107 -6.83 1.26 -14.86
C TYR A 107 -8.25 0.72 -14.68
N GLN A 108 -8.38 -0.59 -14.74
CA GLN A 108 -9.61 -1.29 -14.41
C GLN A 108 -9.38 -2.18 -13.14
N PRO A 109 -9.66 -1.63 -11.95
CA PRO A 109 -9.42 -2.43 -10.77
C PRO A 109 -10.63 -3.27 -10.34
N THR A 110 -10.30 -4.35 -9.64
CA THR A 110 -11.15 -5.25 -8.96
C THR A 110 -10.56 -5.32 -7.55
N ILE A 111 -11.43 -5.42 -6.55
CA ILE A 111 -11.04 -5.47 -5.15
C ILE A 111 -11.45 -6.81 -4.51
N TYR A 112 -10.57 -7.39 -3.72
CA TYR A 112 -11.00 -8.41 -2.79
C TYR A 112 -10.76 -7.85 -1.42
N TYR A 113 -11.83 -7.84 -0.60
CA TYR A 113 -11.91 -7.23 0.73
C TYR A 113 -12.70 -8.10 1.73
N PRO A 114 -12.07 -9.14 2.24
CA PRO A 114 -12.81 -10.13 2.98
C PRO A 114 -13.21 -9.75 4.40
N LYS A 115 -12.47 -8.87 5.07
CA LYS A 115 -12.76 -8.57 6.45
C LYS A 115 -12.86 -7.08 6.63
N ARG A 116 -14.10 -6.63 6.78
CA ARG A 116 -14.43 -5.23 6.69
C ARG A 116 -14.87 -4.69 8.02
N PRO A 117 -14.06 -3.82 8.64
CA PRO A 117 -14.52 -3.20 9.88
C PRO A 117 -15.78 -2.38 9.60
N ASN A 118 -16.76 -2.49 10.50
CA ASN A 118 -18.04 -1.84 10.32
C ASN A 118 -17.96 -0.47 11.00
N LYS A 119 -17.31 0.47 10.31
CA LYS A 119 -17.11 1.82 10.82
C LYS A 119 -17.34 2.73 9.63
N PRO A 120 -17.97 3.90 9.83
CA PRO A 120 -18.37 4.77 8.71
C PRO A 120 -17.28 4.99 7.69
N LEU A 121 -16.02 5.12 8.16
CA LEU A 121 -14.89 5.39 7.30
C LEU A 121 -14.81 4.34 6.20
N PHE A 122 -14.80 3.08 6.63
CA PHE A 122 -14.76 1.95 5.72
C PHE A 122 -16.05 1.73 4.96
N THR A 123 -17.22 1.95 5.56
CA THR A 123 -18.43 1.76 4.77
C THR A 123 -18.50 2.78 3.64
N GLY A 124 -18.01 4.00 3.91
CA GLY A 124 -17.97 5.05 2.90
C GLY A 124 -17.06 4.67 1.75
N LEU A 125 -15.85 4.25 2.08
CA LEU A 125 -14.89 3.87 1.02
C LEU A 125 -15.49 2.77 0.13
N VAL A 126 -16.22 1.83 0.73
CA VAL A 126 -16.77 0.71 -0.03
C VAL A 126 -17.84 1.22 -0.97
N THR A 127 -18.59 2.23 -0.57
CA THR A 127 -19.70 2.66 -1.37
C THR A 127 -19.22 3.46 -2.57
N GLN A 128 -18.23 4.29 -2.29
CA GLN A 128 -17.52 5.08 -3.29
C GLN A 128 -17.06 4.16 -4.43
N CYS A 129 -16.26 3.16 -4.11
CA CYS A 129 -15.79 2.18 -5.11
C CYS A 129 -16.90 1.43 -5.82
N GLN A 130 -17.92 1.07 -5.05
CA GLN A 130 -19.06 0.35 -5.59
C GLN A 130 -19.70 1.15 -6.70
N LYS A 131 -19.84 2.47 -6.45
CA LYS A 131 -20.58 3.35 -7.37
C LYS A 131 -19.68 3.91 -8.47
N ASP A 133 -18.24 1.57 -10.00
CA ASP A 133 -18.34 0.29 -10.70
C ASP A 133 -17.04 -0.48 -10.52
N ILE A 134 -16.39 -0.31 -9.37
CA ILE A 134 -15.24 -1.11 -9.03
C ILE A 134 -15.77 -2.30 -8.30
N PRO A 135 -15.53 -3.52 -8.83
CA PRO A 135 -16.19 -4.67 -8.27
C PRO A 135 -15.42 -5.32 -7.14
N PHE A 136 -16.17 -5.82 -6.16
CA PHE A 136 -15.60 -6.49 -4.99
C PHE A 136 -15.85 -7.94 -5.19
N LEU A 137 -14.82 -8.75 -5.31
CA LEU A 137 -15.08 -10.16 -5.50
C LEU A 137 -15.62 -10.83 -4.23
N GLY A 138 -16.37 -11.89 -4.41
CA GLY A 138 -16.89 -12.66 -3.31
C GLY A 138 -15.93 -13.71 -2.80
N GLU A 139 -14.97 -14.10 -3.64
CA GLU A 139 -13.93 -15.02 -3.21
C GLU A 139 -12.63 -14.72 -3.92
N PRO A 141 -9.72 -15.77 -6.21
CA PRO A 141 -9.48 -16.86 -7.17
C PRO A 141 -8.50 -17.82 -6.53
N PRO A 142 -8.83 -19.10 -6.52
CA PRO A 142 -8.07 -19.98 -5.63
C PRO A 142 -6.67 -20.39 -6.11
N GLU A 143 -6.38 -20.19 -7.40
CA GLU A 143 -5.14 -20.65 -8.04
C GLU A 143 -4.36 -19.48 -8.62
N PRO A 144 -3.03 -19.41 -8.36
CA PRO A 144 -2.16 -18.40 -8.91
C PRO A 144 -2.38 -18.13 -10.38
N VAL A 147 -5.44 -15.77 -11.17
CA VAL A 147 -5.12 -14.40 -10.87
C VAL A 147 -4.27 -13.81 -12.00
N ASP A 148 -3.19 -14.53 -12.32
CA ASP A 148 -2.30 -14.16 -13.41
C ASP A 148 -3.09 -13.88 -14.72
N GLU A 149 -4.11 -14.67 -15.02
CA GLU A 149 -4.79 -14.56 -16.32
C GLU A 149 -5.74 -13.35 -16.34
N LEU A 150 -6.17 -12.93 -15.16
CA LEU A 150 -7.16 -11.92 -15.04
C LEU A 150 -6.61 -10.58 -14.69
N TYR A 151 -5.51 -10.54 -13.94
CA TYR A 151 -5.07 -9.31 -13.35
C TYR A 151 -3.62 -9.14 -13.69
N GLU A 152 -3.31 -8.05 -14.39
CA GLU A 152 -1.95 -7.76 -14.83
C GLU A 152 -1.07 -7.31 -13.68
N LEU A 153 -1.70 -6.85 -12.62
CA LEU A 153 -0.92 -6.44 -11.46
C LEU A 153 -1.76 -6.66 -10.25
N VAL A 154 -1.10 -6.89 -9.11
CA VAL A 154 -1.85 -7.14 -7.89
C VAL A 154 -1.33 -6.23 -6.84
N VAL A 155 -2.23 -5.55 -6.13
CA VAL A 155 -1.83 -4.66 -5.04
C VAL A 155 -2.09 -5.34 -3.71
N ASP A 156 -1.04 -5.44 -2.91
CA ASP A 156 -1.09 -6.03 -1.59
C ASP A 156 -1.35 -4.89 -0.62
N ALA A 157 -2.63 -4.76 -0.25
CA ALA A 157 -3.08 -3.77 0.70
C ALA A 157 -3.56 -4.43 2.01
N ILE A 158 -2.88 -5.49 2.44
CA ILE A 158 -3.39 -6.40 3.48
C ILE A 158 -3.01 -6.01 4.93
N PHE A 159 -1.74 -6.20 5.30
CA PHE A 159 -1.23 -5.73 6.58
C PHE A 159 -0.23 -4.59 6.42
N GLY A 160 -0.15 -3.75 7.45
CA GLY A 160 0.70 -2.59 7.43
C GLY A 160 1.72 -2.63 8.52
N PHE A 161 2.20 -1.45 8.88
CA PHE A 161 3.36 -1.29 9.72
C PHE A 161 3.10 -1.71 11.19
N SER A 162 1.83 -1.80 11.58
CA SER A 162 1.43 -2.11 12.96
C SER A 162 1.14 -3.60 13.15
N PHE A 163 1.46 -4.38 12.13
CA PHE A 163 1.33 -5.82 12.21
C PHE A 163 2.36 -6.42 13.19
N LYS A 164 1.96 -7.52 13.84
CA LYS A 164 2.78 -8.18 14.86
C LYS A 164 3.29 -9.64 14.60
N GLY A 165 2.63 -10.49 13.80
CA GLY A 165 1.22 -10.44 13.44
C GLY A 165 0.37 -11.02 14.56
N ASP A 166 0.10 -12.34 14.55
CA ASP A 166 0.44 -13.27 13.44
C ASP A 166 -0.78 -13.57 12.57
N VAL A 167 -0.53 -14.12 11.38
CA VAL A 167 -1.50 -14.06 10.28
C VAL A 167 -2.53 -15.19 10.28
N ARG A 168 -3.78 -14.80 10.51
CA ARG A 168 -4.96 -15.67 10.53
C ARG A 168 -5.47 -15.89 9.11
N GLU A 169 -6.45 -16.80 8.98
CA GLU A 169 -7.24 -16.85 7.75
C GLU A 169 -8.16 -15.64 7.62
N PRO A 170 -8.61 -15.34 6.40
CA PRO A 170 -8.26 -15.98 5.15
C PRO A 170 -6.95 -15.51 4.55
N PHE A 171 -6.14 -14.76 5.30
CA PHE A 171 -4.95 -14.09 4.75
C PHE A 171 -3.82 -15.01 4.52
N HIS A 172 -3.67 -16.01 5.39
CA HIS A 172 -2.66 -17.05 5.14
C HIS A 172 -2.85 -17.71 3.78
N SER A 173 -4.06 -18.13 3.46
CA SER A 173 -4.22 -18.83 2.21
C SER A 173 -4.11 -17.83 1.03
N ILE A 174 -4.59 -16.61 1.23
CA ILE A 174 -4.39 -15.52 0.27
C ILE A 174 -2.90 -15.30 -0.04
N LEU A 175 -2.06 -15.15 1.01
CA LEU A 175 -0.63 -14.83 0.84
C LEU A 175 0.02 -15.95 0.10
N SER A 176 -0.43 -17.13 0.42
CA SER A 176 0.06 -18.31 -0.17
C SER A 176 -0.28 -18.36 -1.68
N VAL A 177 -1.46 -17.92 -2.09
CA VAL A 177 -1.78 -17.80 -3.52
C VAL A 177 -0.86 -16.78 -4.21
N LEU A 178 -0.55 -15.71 -3.50
CA LEU A 178 0.20 -14.59 -4.02
C LEU A 178 1.64 -14.95 -4.26
N SER A 179 2.14 -15.82 -3.39
CA SER A 179 3.54 -16.20 -3.46
C SER A 179 3.76 -17.03 -4.71
N GLY A 180 2.69 -17.54 -5.33
CA GLY A 180 2.83 -18.27 -6.59
C GLY A 180 2.56 -17.48 -7.86
N LEU A 181 2.36 -16.17 -7.76
CA LEU A 181 1.99 -15.39 -8.94
C LEU A 181 3.19 -15.15 -9.85
N THR A 182 2.91 -14.90 -11.13
CA THR A 182 3.95 -14.52 -12.05
C THR A 182 3.85 -13.02 -12.37
N VAL A 183 2.65 -12.44 -12.22
CA VAL A 183 2.47 -11.02 -12.42
C VAL A 183 3.01 -10.23 -11.20
N PRO A 184 3.33 -8.95 -11.41
CA PRO A 184 3.97 -8.20 -10.32
C PRO A 184 3.08 -7.92 -9.12
N ILE A 185 3.71 -7.82 -7.96
CA ILE A 185 3.00 -7.41 -6.77
C ILE A 185 3.52 -6.02 -6.38
N ALA A 186 2.58 -5.11 -6.10
CA ALA A 186 2.82 -3.79 -5.48
C ALA A 186 2.38 -3.80 -4.01
N SER A 187 3.29 -3.60 -3.06
CA SER A 187 2.89 -3.61 -1.62
C SER A 187 2.81 -2.22 -1.08
N ILE A 188 1.81 -1.98 -0.25
CA ILE A 188 1.62 -0.71 0.43
C ILE A 188 2.31 -0.74 1.79
N ASP A 189 3.35 0.08 1.89
CA ASP A 189 4.08 0.37 3.12
C ASP A 189 5.02 -0.73 3.52
N ILE A 190 4.47 -1.92 3.80
CA ILE A 190 5.20 -3.18 4.07
C ILE A 190 4.64 -4.33 3.21
N PRO A 191 5.50 -5.26 2.78
CA PRO A 191 4.94 -6.47 2.15
C PRO A 191 4.29 -7.29 3.21
N SER A 192 2.99 -7.54 3.07
CA SER A 192 2.26 -8.20 4.12
C SER A 192 2.91 -9.56 4.34
N GLY A 193 2.88 -10.04 5.56
CA GLY A 193 3.50 -11.33 5.86
C GLY A 193 4.93 -11.19 6.33
N TRP A 194 5.55 -10.04 6.07
CA TRP A 194 6.92 -9.80 6.54
C TRP A 194 6.93 -9.22 7.96
N ASP A 195 7.86 -9.67 8.79
CA ASP A 195 8.14 -8.97 10.07
C ASP A 195 8.56 -7.54 9.72
N VAL A 196 7.97 -6.57 10.43
CA VAL A 196 8.09 -5.13 10.10
C VAL A 196 9.53 -4.55 10.13
N GLU A 197 10.40 -5.17 10.90
CA GLU A 197 11.79 -4.78 10.95
C GLU A 197 12.69 -5.81 10.21
N LYS A 198 12.43 -7.11 10.37
CA LYS A 198 13.34 -8.19 9.91
C LYS A 198 13.02 -8.78 8.51
N GLY A 199 11.85 -8.46 7.97
CA GLY A 199 11.39 -9.02 6.69
C GLY A 199 10.91 -10.45 6.85
N ASN A 200 11.13 -11.26 5.82
CA ASN A 200 10.69 -12.66 5.77
C ASN A 200 11.26 -13.34 4.51
N PRO A 201 12.30 -14.16 4.67
CA PRO A 201 12.95 -14.80 3.50
C PRO A 201 12.05 -15.67 2.66
N SER A 202 11.04 -16.27 3.27
CA SER A 202 10.10 -17.12 2.56
C SER A 202 8.80 -16.41 2.22
N GLY A 203 8.68 -15.11 2.55
CA GLY A 203 7.44 -14.36 2.34
C GLY A 203 7.22 -13.97 0.89
N ILE A 204 6.21 -13.14 0.64
CA ILE A 204 6.01 -12.63 -0.72
C ILE A 204 7.13 -11.66 -1.12
N GLN A 205 7.39 -11.56 -2.42
CA GLN A 205 8.51 -10.78 -2.95
C GLN A 205 7.97 -9.81 -3.99
N PRO A 206 7.56 -8.61 -3.56
CA PRO A 206 6.94 -7.68 -4.48
C PRO A 206 7.90 -7.01 -5.44
N ASP A 207 7.33 -6.46 -6.50
CA ASP A 207 8.10 -5.82 -7.56
C ASP A 207 8.18 -4.32 -7.32
N LEU A 208 7.12 -3.78 -6.69
CA LEU A 208 7.02 -2.41 -6.25
C LEU A 208 6.66 -2.28 -4.77
N LEU A 209 7.38 -1.43 -4.07
CA LEU A 209 7.06 -1.12 -2.69
C LEU A 209 6.81 0.37 -2.63
N ILE A 210 5.64 0.78 -2.12
CA ILE A 210 5.39 2.17 -1.79
C ILE A 210 5.51 2.40 -0.27
N SER A 211 6.66 2.93 0.20
CA SER A 211 6.87 3.24 1.61
C SER A 211 6.13 4.52 1.89
N LEU A 212 5.20 4.51 2.84
CA LEU A 212 4.42 5.70 3.24
C LEU A 212 5.09 6.41 4.36
N THR A 213 5.13 7.74 4.25
CA THR A 213 5.73 8.64 5.25
C THR A 213 7.20 8.52 5.15
N ALA A 214 7.74 7.40 5.60
CA ALA A 214 9.17 7.13 5.54
C ALA A 214 9.33 5.63 5.58
N PRO A 215 10.42 5.12 5.07
CA PRO A 215 10.57 3.68 5.00
C PRO A 215 10.77 3.03 6.34
N LYS A 216 10.29 1.81 6.46
CA LYS A 216 10.47 1.02 7.64
C LYS A 216 11.68 0.15 7.42
N LYS A 217 12.30 -0.33 8.49
CA LYS A 217 13.47 -1.18 8.39
C LYS A 217 13.32 -2.45 7.56
N SER A 218 12.11 -3.03 7.50
CA SER A 218 11.90 -4.13 6.57
C SER A 218 12.31 -3.72 5.14
N ALA A 219 12.36 -2.42 4.87
CA ALA A 219 12.65 -1.98 3.52
C ALA A 219 14.05 -2.35 3.07
N THR A 220 15.00 -2.48 4.00
CA THR A 220 16.37 -2.86 3.61
C THR A 220 16.38 -4.26 2.98
N HIS A 221 15.41 -5.11 3.30
CA HIS A 221 15.37 -6.45 2.67
C HIS A 221 14.67 -6.46 1.29
N PHE A 222 14.25 -5.28 0.81
CA PHE A 222 13.52 -5.19 -0.46
C PHE A 222 14.41 -5.31 -1.71
N THR A 223 14.00 -6.20 -2.62
CA THR A 223 14.78 -6.53 -3.80
C THR A 223 13.97 -6.45 -5.11
N GLY A 224 12.84 -5.75 -5.09
CA GLY A 224 12.12 -5.47 -6.32
C GLY A 224 12.77 -4.31 -7.03
N ARG A 225 12.21 -3.91 -8.16
CA ARG A 225 12.80 -2.86 -8.98
C ARG A 225 12.36 -1.49 -8.53
N TYR A 226 11.11 -1.36 -8.11
CA TYR A 226 10.52 -0.05 -7.83
C TYR A 226 10.31 0.12 -6.34
N HIS A 227 11.05 1.08 -5.78
CA HIS A 227 10.76 1.56 -4.46
C HIS A 227 10.41 3.05 -4.50
N TYR A 228 9.20 3.39 -4.08
CA TYR A 228 8.74 4.77 -4.09
C TYR A 228 8.41 5.19 -2.70
N LEU A 229 8.71 6.43 -2.36
CA LEU A 229 8.18 7.05 -1.14
C LEU A 229 6.88 7.80 -1.47
N GLY A 230 5.94 7.73 -0.54
CA GLY A 230 4.63 8.30 -0.68
C GLY A 230 4.19 8.92 0.64
N GLY A 231 3.06 9.60 0.56
CA GLY A 231 2.58 10.32 1.74
C GLY A 231 3.36 11.60 2.00
N ARG A 232 3.12 12.54 1.08
CA ARG A 232 3.71 13.89 1.12
C ARG A 232 2.85 14.77 2.00
N PHE A 233 2.99 14.59 3.31
CA PHE A 233 2.24 15.38 4.28
C PHE A 233 2.99 15.54 5.56
N VAL A 234 4.26 15.19 5.58
CA VAL A 234 5.04 15.21 6.76
C VAL A 234 5.50 16.64 7.04
N PRO A 235 5.00 17.23 8.12
CA PRO A 235 5.53 18.50 8.55
C PRO A 235 7.03 18.52 8.74
N PRO A 236 7.68 19.60 8.32
CA PRO A 236 9.11 19.85 8.57
C PRO A 236 9.55 19.68 10.03
N ALA A 237 8.74 20.14 10.96
CA ALA A 237 9.11 20.10 12.37
C ALA A 237 9.21 18.66 12.86
N LEU A 238 8.40 17.83 12.26
CA LEU A 238 8.35 16.44 12.60
C LEU A 238 9.47 15.65 11.89
N GLU A 239 9.60 15.84 10.58
CA GLU A 239 10.77 15.30 9.87
C GLU A 239 12.11 15.66 10.57
N LYS A 240 12.23 16.87 11.09
CA LYS A 240 13.42 17.26 11.88
C LYS A 240 13.52 16.52 13.22
N LYS A 241 12.41 16.44 13.96
CA LYS A 241 12.42 15.86 15.30
C LYS A 241 12.84 14.38 15.27
N TYR A 242 12.35 13.65 14.26
CA TYR A 242 12.77 12.27 14.00
C TYR A 242 13.91 12.08 12.97
N GLN A 243 14.49 13.16 12.45
CA GLN A 243 15.64 13.10 11.52
C GLN A 243 15.40 12.14 10.38
N LEU A 244 14.22 12.21 9.82
CA LEU A 244 13.84 11.36 8.72
C LEU A 244 14.66 11.59 7.47
N ASN A 245 15.17 12.79 7.30
CA ASN A 245 15.95 13.05 6.12
C ASN A 245 15.23 12.74 4.81
N LEU A 246 13.99 13.20 4.69
CA LEU A 246 13.24 12.89 3.49
C LEU A 246 13.92 13.49 2.27
N PRO A 247 13.89 12.77 1.15
CA PRO A 247 14.27 13.37 -0.10
C PRO A 247 13.30 14.49 -0.50
N SER A 248 13.77 15.36 -1.38
CA SER A 248 12.92 16.36 -2.02
C SER A 248 12.04 15.78 -3.12
N TYR A 249 10.74 15.78 -2.87
CA TYR A 249 9.77 15.46 -3.90
C TYR A 249 9.90 16.51 -5.03
N PRO A 250 9.89 16.05 -6.27
CA PRO A 250 9.96 17.02 -7.34
C PRO A 250 8.63 17.79 -7.51
N ASP A 251 8.74 19.05 -7.92
CA ASP A 251 7.60 19.96 -8.09
C ASP A 251 6.43 19.66 -7.14
N THR A 252 5.30 19.28 -7.73
CA THR A 252 4.06 19.05 -7.07
C THR A 252 3.76 17.56 -7.05
N GLU A 253 4.78 16.72 -7.13
CA GLU A 253 4.59 15.28 -7.11
C GLU A 253 4.31 14.73 -5.72
N CYS A 254 3.50 13.70 -5.63
CA CYS A 254 3.26 13.06 -4.34
C CYS A 254 4.03 11.75 -4.13
N VAL A 255 4.88 11.41 -5.07
CA VAL A 255 5.73 10.24 -4.95
C VAL A 255 7.16 10.60 -5.33
N TYR A 256 8.11 9.82 -4.84
CA TYR A 256 9.52 10.03 -5.15
C TYR A 256 10.13 8.63 -5.28
N ARG A 257 10.76 8.35 -6.42
CA ARG A 257 11.48 7.11 -6.63
C ARG A 257 12.83 7.04 -5.90
N LEU A 258 12.93 6.11 -4.97
CA LEU A 258 14.15 5.92 -4.19
C LEU A 258 15.28 5.13 -4.89
N GLN A 259 16.51 5.55 -4.57
CA GLN A 259 17.78 4.86 -4.92
C GLN A 259 18.17 5.14 -6.34
#